data_5T6E
#
_entry.id   5T6E
#
_cell.length_a   51.276
_cell.length_b   58.339
_cell.length_c   152.100
_cell.angle_alpha   90.00
_cell.angle_beta   90.00
_cell.angle_gamma   90.00
#
_symmetry.space_group_name_H-M   'P 21 21 21'
#
loop_
_entity.id
_entity.type
_entity.pdbx_description
1 polymer 'Glycylpeptide N-tetradecanoyltransferase'
2 non-polymer TETRADECANOYL-COA
3 non-polymer 1-(4-{3,5-dichloro-4-[(2,4-dimethylpyridin-3-yl)methoxy]phenyl}pyridin-2-yl)piperazine
4 water water
#
_entity_poly.entity_id   1
_entity_poly.type   'polypeptide(L)'
_entity_poly.pdbx_seq_one_letter_code
;GPRSQTQPVPRFDETSTDTGGPIKIIDPEKVSKEPDALLEGFEWATLDLTNETELQELWDLLTYHYVEDDNAMFRFRYSQ
SFLHWALMSPGWKKEWHVGVRATKSRKLVASICGVPTEINVRNQKLKVVEINFLCIHKKLRSKRLTPVLIKEITRRCYLN
GIYQAIYTAGVVLPTPVSSCRYYHRPLDWLKLYEVGFSPLPAGSTKARQITKNHLPSTTSTPGLRPMEPKDIDTVHDLLQ
RYLSRFALNQAFTREEVDHWLVHKPETVKEQVVWAYVVEDPETHKITDFFSFYNLESTVIQNPKHDNVRAAYLYYYATET
AFTNNMKALKERLLMLMNDALILAKKAHFDVFNALTLHDNPLFLEQLKFGAGDGQLHFYLYNYRTAPVPGGVNEKNLPDE
KRMGGVGIVML
;
_entity_poly.pdbx_strand_id   A
#
loop_
_chem_comp.id
_chem_comp.type
_chem_comp.name
_chem_comp.formula
75R non-polymer 1-(4-{3,5-dichloro-4-[(2,4-dimethylpyridin-3-yl)methoxy]phenyl}pyridin-2-yl)piperazine 'C23 H24 Cl2 N4 O'
MYA non-polymer TETRADECANOYL-COA 'C35 H62 N7 O17 P3 S'
#
# COMPACT_ATOMS: atom_id res chain seq x y z
N GLY A 20 9.57 22.89 -5.92
CA GLY A 20 10.83 22.12 -6.23
C GLY A 20 11.00 21.74 -7.69
N GLY A 21 11.61 20.61 -7.99
CA GLY A 21 11.84 20.23 -9.37
C GLY A 21 12.83 19.09 -9.54
N PRO A 22 13.07 18.69 -10.80
CA PRO A 22 13.98 17.57 -11.04
C PRO A 22 15.41 17.90 -10.64
N ILE A 23 16.16 16.90 -10.20
CA ILE A 23 17.50 17.15 -9.69
C ILE A 23 18.54 17.16 -10.83
N LYS A 24 18.42 16.27 -11.81
CA LYS A 24 19.30 16.26 -12.97
C LYS A 24 18.53 15.86 -14.24
N ILE A 25 19.00 16.31 -15.41
CA ILE A 25 18.44 15.91 -16.68
C ILE A 25 19.24 14.73 -17.24
N ILE A 26 18.51 13.69 -17.67
CA ILE A 26 19.14 12.49 -18.18
C ILE A 26 19.39 12.58 -19.67
N ASP A 27 20.62 12.34 -20.09
CA ASP A 27 20.96 12.31 -21.51
C ASP A 27 20.51 10.96 -22.11
N PRO A 28 19.49 10.97 -22.96
CA PRO A 28 19.04 9.70 -23.59
C PRO A 28 20.12 8.98 -24.40
N GLU A 29 21.00 9.74 -25.05
CA GLU A 29 22.12 9.17 -25.83
C GLU A 29 23.21 8.53 -24.99
N LYS A 30 23.30 8.83 -23.70
CA LYS A 30 24.31 8.19 -22.85
C LYS A 30 23.74 7.04 -21.98
N VAL A 31 22.46 6.72 -22.14
CA VAL A 31 21.88 5.57 -21.41
C VAL A 31 22.29 4.24 -22.05
N SER A 32 23.06 3.45 -21.32
CA SER A 32 23.63 2.23 -21.85
C SER A 32 22.63 1.18 -22.29
N LYS A 33 22.97 0.50 -23.38
CA LYS A 33 22.11 -0.49 -23.99
C LYS A 33 22.19 -1.81 -23.25
N GLU A 34 23.30 -2.06 -22.58
CA GLU A 34 23.51 -3.30 -21.86
C GLU A 34 23.66 -3.06 -20.37
N PRO A 35 23.27 -4.06 -19.53
CA PRO A 35 23.32 -3.89 -18.11
C PRO A 35 24.73 -4.13 -17.54
N ASP A 36 24.98 -3.69 -16.32
CA ASP A 36 26.25 -3.92 -15.63
C ASP A 36 26.38 -5.39 -15.22
N ALA A 37 27.60 -5.73 -14.82
CA ALA A 37 27.99 -7.07 -14.42
C ALA A 37 27.43 -7.46 -13.08
N LEU A 38 27.18 -8.75 -12.89
CA LEU A 38 26.62 -9.25 -11.63
C LEU A 38 27.60 -10.15 -10.95
N LEU A 39 27.36 -10.42 -9.67
CA LEU A 39 28.16 -11.42 -8.91
C LEU A 39 28.26 -12.67 -9.70
N GLU A 40 29.43 -13.29 -9.62
CA GLU A 40 29.73 -14.44 -10.42
C GLU A 40 28.74 -15.57 -10.13
N GLY A 41 28.32 -16.28 -11.16
CA GLY A 41 27.28 -17.30 -11.02
C GLY A 41 25.86 -16.77 -11.21
N PHE A 42 25.66 -15.48 -11.47
CA PHE A 42 24.28 -14.92 -11.57
C PHE A 42 24.11 -14.09 -12.81
N GLU A 43 22.87 -13.89 -13.20
CA GLU A 43 22.54 -13.21 -14.44
C GLU A 43 21.15 -12.55 -14.33
N TRP A 44 20.96 -11.47 -15.09
CA TRP A 44 19.70 -10.74 -15.10
C TRP A 44 18.61 -11.54 -15.80
N ALA A 45 17.37 -11.38 -15.39
CA ALA A 45 16.26 -11.97 -16.12
C ALA A 45 15.01 -11.15 -15.99
N THR A 46 14.47 -10.74 -17.13
CA THR A 46 13.17 -10.18 -17.20
C THR A 46 12.09 -11.27 -16.92
N LEU A 47 11.26 -11.01 -15.92
CA LEU A 47 10.14 -11.85 -15.54
C LEU A 47 8.93 -11.58 -16.43
N ASP A 48 8.24 -12.63 -16.85
CA ASP A 48 6.98 -12.48 -17.56
C ASP A 48 5.87 -12.98 -16.66
N LEU A 49 5.25 -12.09 -15.91
CA LEU A 49 4.27 -12.49 -14.92
C LEU A 49 2.90 -12.87 -15.45
N THR A 50 2.72 -12.83 -16.78
CA THR A 50 1.55 -13.48 -17.40
C THR A 50 1.78 -14.98 -17.49
N ASN A 51 3.03 -15.43 -17.31
CA ASN A 51 3.35 -16.83 -17.31
C ASN A 51 3.26 -17.33 -15.88
N GLU A 52 2.34 -18.27 -15.63
CA GLU A 52 2.04 -18.68 -14.27
C GLU A 52 3.21 -19.28 -13.52
N THR A 53 4.11 -19.96 -14.21
CA THR A 53 5.26 -20.53 -13.50
C THR A 53 6.21 -19.42 -12.96
N GLU A 54 6.36 -18.33 -13.70
CA GLU A 54 7.28 -17.24 -13.33
C GLU A 54 6.63 -16.42 -12.24
N LEU A 55 5.32 -16.30 -12.27
CA LEU A 55 4.62 -15.64 -11.18
C LEU A 55 4.76 -16.43 -9.89
N GLN A 56 4.70 -17.75 -10.00
CA GLN A 56 4.94 -18.68 -8.89
C GLN A 56 6.35 -18.54 -8.30
N GLU A 57 7.35 -18.58 -9.18
CA GLU A 57 8.74 -18.33 -8.81
C GLU A 57 8.88 -17.09 -8.01
N LEU A 58 8.33 -15.99 -8.49
CA LEU A 58 8.33 -14.74 -7.69
C LEU A 58 7.63 -14.90 -6.32
N TRP A 59 6.50 -15.59 -6.31
CA TRP A 59 5.77 -15.83 -5.06
C TRP A 59 6.63 -16.66 -4.08
N ASP A 60 7.36 -17.64 -4.60
CA ASP A 60 8.23 -18.47 -3.75
C ASP A 60 9.34 -17.63 -3.07
N LEU A 61 9.96 -16.73 -3.82
CA LEU A 61 10.98 -15.86 -3.28
C LEU A 61 10.39 -14.95 -2.19
N LEU A 62 9.30 -14.26 -2.49
CA LEU A 62 8.76 -13.27 -1.53
C LEU A 62 8.25 -13.94 -0.27
N THR A 63 7.65 -15.11 -0.43
CA THR A 63 6.99 -15.77 0.71
C THR A 63 8.02 -16.11 1.80
N TYR A 64 9.23 -16.50 1.40
CA TYR A 64 10.29 -16.85 2.36
C TYR A 64 11.39 -15.82 2.57
N HIS A 65 11.38 -14.71 1.83
CA HIS A 65 12.48 -13.75 1.88
C HIS A 65 12.11 -12.29 1.87
N TYR A 66 10.82 -11.96 1.97
CA TYR A 66 10.41 -10.57 1.89
C TYR A 66 10.25 -9.97 3.29
N VAL A 67 9.65 -8.79 3.36
CA VAL A 67 9.61 -7.93 4.57
C VAL A 67 9.15 -8.64 5.86
N GLU A 68 10.06 -8.68 6.84
CA GLU A 68 9.77 -9.14 8.24
C GLU A 68 9.77 -7.98 9.24
N ASP A 69 9.07 -8.10 10.36
CA ASP A 69 9.18 -7.09 11.42
C ASP A 69 10.50 -7.31 12.12
N ASP A 70 10.87 -6.40 13.00
CA ASP A 70 12.21 -6.46 13.61
C ASP A 70 12.40 -7.62 14.63
N ASN A 71 11.27 -8.19 15.09
CA ASN A 71 11.25 -9.34 16.00
C ASN A 71 11.13 -10.71 15.33
N ALA A 72 11.12 -10.74 14.00
CA ALA A 72 11.10 -12.02 13.25
C ALA A 72 9.85 -12.86 13.59
N MET A 73 8.74 -12.18 13.80
CA MET A 73 7.48 -12.84 14.12
C MET A 73 6.51 -12.93 12.93
N PHE A 74 6.47 -11.87 12.12
CA PHE A 74 5.63 -11.85 10.92
C PHE A 74 6.40 -11.53 9.64
N ARG A 75 6.02 -12.22 8.57
CA ARG A 75 6.51 -11.92 7.22
C ARG A 75 5.32 -11.66 6.32
N PHE A 76 5.44 -10.61 5.51
CA PHE A 76 4.40 -10.33 4.52
C PHE A 76 4.27 -11.50 3.57
N ARG A 77 3.02 -11.83 3.25
CA ARG A 77 2.69 -12.97 2.40
C ARG A 77 1.75 -12.47 1.31
N TYR A 78 2.28 -11.64 0.42
CA TYR A 78 1.58 -11.28 -0.81
C TYR A 78 1.15 -12.57 -1.57
N SER A 79 -0.15 -12.68 -1.88
CA SER A 79 -0.67 -13.82 -2.63
C SER A 79 -0.42 -13.62 -4.12
N GLN A 80 -0.52 -14.69 -4.90
CA GLN A 80 -0.23 -14.63 -6.32
C GLN A 80 -1.24 -13.70 -7.01
N SER A 81 -2.46 -13.72 -6.52
CA SER A 81 -3.50 -12.87 -7.04
C SER A 81 -3.21 -11.38 -6.73
N PHE A 82 -2.78 -11.08 -5.50
CA PHE A 82 -2.32 -9.72 -5.21
C PHE A 82 -1.21 -9.26 -6.16
N LEU A 83 -0.24 -10.13 -6.43
CA LEU A 83 0.93 -9.73 -7.20
C LEU A 83 0.51 -9.44 -8.63
N HIS A 84 -0.43 -10.24 -9.13
CA HIS A 84 -0.95 -10.10 -10.49
C HIS A 84 -1.57 -8.72 -10.62
N TRP A 85 -2.34 -8.39 -9.61
CA TRP A 85 -3.02 -7.12 -9.49
C TRP A 85 -2.05 -5.95 -9.32
N ALA A 86 -1.09 -6.08 -8.40
CA ALA A 86 -0.18 -5.00 -8.10
C ALA A 86 0.83 -4.67 -9.22
N LEU A 87 1.20 -5.68 -10.01
CA LEU A 87 2.28 -5.57 -10.98
C LEU A 87 1.85 -5.48 -12.44
N MET A 88 0.57 -5.69 -12.73
CA MET A 88 0.08 -5.59 -14.10
C MET A 88 -1.04 -4.58 -14.27
N SER A 89 -0.78 -3.38 -13.78
CA SER A 89 -1.73 -2.31 -13.73
C SER A 89 -1.61 -1.50 -15.03
N PRO A 90 -2.50 -0.53 -15.28
CA PRO A 90 -2.44 0.14 -16.59
C PRO A 90 -1.06 0.73 -16.94
N GLY A 91 -0.55 0.46 -18.13
CA GLY A 91 0.73 0.99 -18.58
C GLY A 91 1.92 0.11 -18.27
N TRP A 92 1.66 -0.99 -17.58
CA TRP A 92 2.72 -1.84 -17.09
C TRP A 92 3.55 -2.40 -18.22
N LYS A 93 4.83 -2.58 -17.94
CA LYS A 93 5.79 -3.15 -18.88
C LYS A 93 6.52 -4.32 -18.21
N LYS A 94 6.78 -5.41 -18.94
CA LYS A 94 7.49 -6.51 -18.35
C LYS A 94 8.95 -6.18 -18.16
N GLU A 95 9.45 -5.22 -18.92
CA GLU A 95 10.84 -4.78 -18.79
C GLU A 95 11.11 -4.24 -17.39
N TRP A 96 10.07 -3.86 -16.64
CA TRP A 96 10.23 -3.32 -15.31
C TRP A 96 9.98 -4.37 -14.21
N HIS A 97 9.82 -5.63 -14.59
CA HIS A 97 9.79 -6.71 -13.62
C HIS A 97 11.11 -7.45 -13.72
N VAL A 98 12.00 -7.16 -12.76
CA VAL A 98 13.40 -7.51 -12.90
C VAL A 98 13.81 -8.61 -11.92
N GLY A 99 14.41 -9.66 -12.47
CA GLY A 99 14.86 -10.76 -11.66
C GLY A 99 16.36 -10.96 -11.77
N VAL A 100 16.89 -11.73 -10.83
CA VAL A 100 18.21 -12.29 -10.95
C VAL A 100 18.11 -13.79 -10.72
N ARG A 101 18.70 -14.59 -11.62
CA ARG A 101 18.73 -16.03 -11.47
C ARG A 101 20.14 -16.56 -11.32
N ALA A 102 20.29 -17.57 -10.47
CA ALA A 102 21.47 -18.45 -10.48
C ALA A 102 21.64 -19.10 -11.84
N THR A 103 22.80 -18.89 -12.44
CA THR A 103 23.06 -19.35 -13.78
C THR A 103 22.87 -20.84 -13.98
N LYS A 104 23.22 -21.63 -12.98
CA LYS A 104 23.21 -23.07 -13.14
C LYS A 104 21.91 -23.71 -12.76
N SER A 105 21.35 -23.37 -11.62
CA SER A 105 20.06 -23.91 -11.22
C SER A 105 18.85 -23.22 -11.86
N ARG A 106 19.07 -22.02 -12.44
CA ARG A 106 18.03 -21.16 -13.00
C ARG A 106 17.09 -20.55 -11.96
N LYS A 107 17.39 -20.78 -10.69
CA LYS A 107 16.56 -20.33 -9.58
C LYS A 107 16.58 -18.79 -9.38
N LEU A 108 15.41 -18.24 -9.04
CA LEU A 108 15.22 -16.80 -8.95
C LEU A 108 15.64 -16.36 -7.57
N VAL A 109 16.68 -15.55 -7.48
CA VAL A 109 17.24 -15.26 -6.16
C VAL A 109 17.07 -13.80 -5.71
N ALA A 110 16.59 -12.94 -6.60
CA ALA A 110 16.39 -11.53 -6.27
C ALA A 110 15.39 -10.90 -7.21
N SER A 111 14.79 -9.79 -6.77
CA SER A 111 13.80 -9.07 -7.57
C SER A 111 13.73 -7.57 -7.27
N ILE A 112 13.35 -6.79 -8.28
CA ILE A 112 12.96 -5.40 -8.06
C ILE A 112 11.96 -5.08 -9.16
N CYS A 113 10.83 -4.48 -8.79
CA CYS A 113 9.75 -4.16 -9.79
C CYS A 113 9.26 -2.73 -9.77
N GLY A 114 8.77 -2.28 -10.90
CA GLY A 114 8.05 -1.02 -10.98
C GLY A 114 6.82 -1.08 -11.84
N VAL A 115 5.87 -0.19 -11.57
CA VAL A 115 4.76 0.05 -12.47
C VAL A 115 4.64 1.57 -12.67
N PRO A 116 4.18 2.02 -13.84
CA PRO A 116 4.08 3.45 -14.08
C PRO A 116 2.81 4.03 -13.45
N THR A 117 2.91 5.26 -12.96
CA THR A 117 1.75 6.09 -12.64
C THR A 117 2.12 7.57 -12.75
N GLU A 118 1.14 8.43 -12.54
CA GLU A 118 1.39 9.85 -12.50
C GLU A 118 1.08 10.32 -11.12
N ILE A 119 1.93 11.22 -10.61
CA ILE A 119 1.70 11.83 -9.32
C ILE A 119 1.66 13.36 -9.37
N ASN A 120 1.00 13.96 -8.38
CA ASN A 120 1.05 15.38 -8.17
C ASN A 120 1.92 15.67 -6.97
N VAL A 121 2.90 16.52 -7.19
CA VAL A 121 3.80 17.00 -6.15
C VAL A 121 3.68 18.51 -6.10
N ARG A 122 2.93 19.00 -5.11
CA ARG A 122 2.59 20.41 -4.99
C ARG A 122 2.14 21.06 -6.31
N ASN A 123 1.14 20.44 -6.94
CA ASN A 123 0.55 21.00 -8.17
C ASN A 123 1.43 20.99 -9.41
N GLN A 124 2.57 20.30 -9.35
CA GLN A 124 3.26 19.82 -10.53
C GLN A 124 2.91 18.34 -10.74
N LYS A 125 2.62 17.97 -11.98
CA LYS A 125 2.26 16.63 -12.37
C LYS A 125 3.49 15.91 -12.92
N LEU A 126 3.76 14.72 -12.43
CA LEU A 126 4.99 13.99 -12.73
C LEU A 126 4.75 12.59 -13.25
N LYS A 127 5.47 12.21 -14.30
CA LYS A 127 5.45 10.81 -14.79
C LYS A 127 6.55 10.10 -14.05
N VAL A 128 6.18 9.03 -13.35
CA VAL A 128 7.10 8.26 -12.53
C VAL A 128 6.90 6.73 -12.65
N VAL A 129 7.76 6.00 -11.98
CA VAL A 129 7.53 4.59 -11.70
C VAL A 129 7.46 4.44 -10.18
N GLU A 130 6.54 3.59 -9.71
CA GLU A 130 6.50 3.21 -8.30
C GLU A 130 7.30 1.96 -8.15
N ILE A 131 8.32 1.99 -7.30
CA ILE A 131 9.22 0.86 -7.11
C ILE A 131 8.79 0.04 -5.89
N ASN A 132 8.72 -1.28 -6.09
CA ASN A 132 8.23 -2.18 -5.04
C ASN A 132 8.87 -3.55 -5.24
N PHE A 133 8.71 -4.37 -4.23
CA PHE A 133 9.20 -5.75 -4.24
C PHE A 133 10.69 -5.93 -4.48
N LEU A 134 11.49 -5.02 -3.97
CA LEU A 134 12.93 -5.26 -3.84
C LEU A 134 13.14 -6.40 -2.86
N CYS A 135 13.70 -7.49 -3.34
CA CYS A 135 13.92 -8.65 -2.49
C CYS A 135 15.17 -9.44 -2.89
N ILE A 136 15.99 -9.72 -1.87
CA ILE A 136 17.19 -10.54 -2.02
C ILE A 136 17.09 -11.77 -1.13
N HIS A 137 17.32 -12.95 -1.72
CA HIS A 137 17.38 -14.22 -0.99
C HIS A 137 18.30 -14.02 0.21
N LYS A 138 17.91 -14.57 1.34
CA LYS A 138 18.64 -14.36 2.59
C LYS A 138 20.10 -14.77 2.49
N LYS A 139 20.38 -15.82 1.72
CA LYS A 139 21.72 -16.28 1.49
C LYS A 139 22.59 -15.40 0.61
N LEU A 140 22.03 -14.43 -0.06
CA LEU A 140 22.84 -13.45 -0.77
C LEU A 140 22.82 -12.06 -0.13
N ARG A 141 22.38 -11.96 1.12
CA ARG A 141 22.31 -10.65 1.76
C ARG A 141 23.72 -10.11 2.05
N SER A 142 23.79 -8.81 2.30
CA SER A 142 25.01 -8.15 2.71
C SER A 142 26.14 -8.37 1.72
N LYS A 143 25.83 -8.37 0.44
CA LYS A 143 26.86 -8.45 -0.59
C LYS A 143 26.77 -7.24 -1.51
N ARG A 144 26.09 -6.19 -1.05
CA ARG A 144 25.93 -4.94 -1.84
C ARG A 144 25.26 -5.20 -3.20
N LEU A 145 24.26 -6.06 -3.20
CA LEU A 145 23.52 -6.39 -4.40
C LEU A 145 22.42 -5.34 -4.64
N THR A 146 21.93 -4.74 -3.57
CA THR A 146 20.85 -3.75 -3.70
C THR A 146 21.19 -2.58 -4.67
N PRO A 147 22.32 -1.90 -4.45
CA PRO A 147 22.62 -0.83 -5.37
C PRO A 147 22.68 -1.26 -6.79
N VAL A 148 23.05 -2.53 -7.02
CA VAL A 148 23.14 -3.07 -8.37
C VAL A 148 21.75 -3.32 -8.96
N LEU A 149 20.81 -3.79 -8.13
CA LEU A 149 19.41 -3.89 -8.52
C LEU A 149 18.81 -2.52 -8.85
N ILE A 150 18.98 -1.60 -7.94
CA ILE A 150 18.45 -0.27 -8.08
C ILE A 150 18.95 0.41 -9.37
N LYS A 151 20.26 0.31 -9.63
CA LYS A 151 20.84 0.93 -10.80
C LYS A 151 20.35 0.27 -12.11
N GLU A 152 20.01 -1.00 -12.07
CA GLU A 152 19.60 -1.66 -13.32
C GLU A 152 18.13 -1.32 -13.65
N ILE A 153 17.28 -1.29 -12.66
CA ILE A 153 15.91 -0.88 -12.95
C ILE A 153 15.86 0.60 -13.39
N THR A 154 16.70 1.43 -12.76
CA THR A 154 16.88 2.81 -13.17
C THR A 154 17.17 2.93 -14.69
N ARG A 155 18.16 2.17 -15.16
CA ARG A 155 18.58 2.14 -16.56
C ARG A 155 17.40 1.74 -17.48
N ARG A 156 16.70 0.68 -17.10
CA ARG A 156 15.54 0.19 -17.83
C ARG A 156 14.40 1.23 -17.91
N CYS A 157 14.25 2.04 -16.88
CA CYS A 157 13.26 3.14 -16.90
C CYS A 157 13.69 4.30 -17.80
N TYR A 158 14.96 4.68 -17.67
CA TYR A 158 15.59 5.70 -18.48
C TYR A 158 15.44 5.38 -19.94
N LEU A 159 15.53 4.11 -20.31
CA LEU A 159 15.36 3.75 -21.72
C LEU A 159 13.95 3.97 -22.18
N ASN A 160 13.01 3.93 -21.26
CA ASN A 160 11.61 4.16 -21.58
C ASN A 160 11.14 5.56 -21.27
N GLY A 161 12.03 6.50 -21.11
CA GLY A 161 11.58 7.87 -20.90
C GLY A 161 10.99 8.20 -19.54
N ILE A 162 11.35 7.42 -18.53
CA ILE A 162 10.96 7.71 -17.19
C ILE A 162 12.21 8.01 -16.38
N TYR A 163 12.19 9.12 -15.63
CA TYR A 163 13.38 9.66 -14.99
C TYR A 163 13.19 10.01 -13.54
N GLN A 164 11.96 9.88 -13.04
CA GLN A 164 11.68 10.03 -11.63
C GLN A 164 10.97 8.77 -11.08
N ALA A 165 11.09 8.53 -9.78
CA ALA A 165 10.37 7.44 -9.12
C ALA A 165 9.87 7.81 -7.76
N ILE A 166 8.90 7.03 -7.28
CA ILE A 166 8.43 7.17 -5.90
C ILE A 166 8.47 5.79 -5.25
N TYR A 167 8.80 5.77 -3.97
CA TYR A 167 8.87 4.51 -3.24
C TYR A 167 8.75 4.76 -1.77
N THR A 168 8.31 3.72 -1.05
CA THR A 168 8.35 3.72 0.41
C THR A 168 9.25 2.62 0.92
N ALA A 169 9.78 2.82 2.12
CA ALA A 169 10.61 1.80 2.77
C ALA A 169 10.40 1.92 4.25
N GLY A 170 10.72 0.83 4.97
CA GLY A 170 10.71 0.85 6.45
C GLY A 170 11.97 1.42 7.08
N VAL A 171 12.97 1.67 6.28
CA VAL A 171 14.26 2.15 6.77
C VAL A 171 14.50 3.56 6.28
N VAL A 172 15.33 4.28 7.02
CA VAL A 172 15.67 5.65 6.69
C VAL A 172 16.85 5.71 5.73
N LEU A 173 16.63 6.36 4.61
CA LEU A 173 17.62 6.63 3.57
C LEU A 173 17.63 8.15 3.39
N PRO A 174 18.63 8.67 2.65
CA PRO A 174 18.75 10.12 2.43
C PRO A 174 17.48 10.81 1.97
N THR A 175 17.16 11.90 2.64
CA THR A 175 16.16 12.88 2.25
C THR A 175 14.74 12.28 2.02
N PRO A 176 14.11 11.76 3.08
CA PRO A 176 12.71 11.39 2.96
C PRO A 176 11.79 12.62 2.78
N VAL A 177 10.71 12.44 2.02
CA VAL A 177 9.75 13.46 1.77
C VAL A 177 8.68 13.51 2.87
N SER A 178 8.46 12.41 3.57
CA SER A 178 7.52 12.35 4.68
C SER A 178 7.67 11.01 5.35
N SER A 179 6.92 10.82 6.42
CA SER A 179 6.99 9.63 7.21
C SER A 179 5.64 9.45 7.89
N CYS A 180 5.18 8.22 7.96
CA CYS A 180 3.86 7.93 8.55
C CYS A 180 3.97 6.74 9.48
N ARG A 181 3.11 6.73 10.49
CA ARG A 181 3.07 5.61 11.41
C ARG A 181 1.93 4.66 11.06
N TYR A 182 2.21 3.36 11.22
CA TYR A 182 1.20 2.31 11.08
C TYR A 182 0.30 2.22 12.32
N TYR A 183 -0.99 2.04 12.11
CA TYR A 183 -1.94 1.75 13.20
C TYR A 183 -2.69 0.48 12.89
N HIS A 184 -3.17 -0.21 13.94
CA HIS A 184 -3.80 -1.52 13.83
C HIS A 184 -5.07 -1.68 14.70
N ARG A 185 -6.23 -1.77 14.05
CA ARG A 185 -7.52 -1.96 14.75
C ARG A 185 -7.91 -3.42 14.73
N PRO A 186 -7.85 -4.10 15.91
CA PRO A 186 -8.09 -5.56 16.04
C PRO A 186 -9.52 -5.98 15.72
N LEU A 187 -9.72 -6.84 14.72
CA LEU A 187 -11.06 -7.30 14.36
C LEU A 187 -11.40 -8.60 15.08
N ASP A 188 -10.44 -9.52 15.17
CA ASP A 188 -10.50 -10.75 15.97
C ASP A 188 -9.39 -10.65 16.98
N TRP A 189 -9.69 -10.05 18.13
CA TRP A 189 -8.66 -9.77 19.14
C TRP A 189 -7.95 -10.99 19.65
N LEU A 190 -8.69 -12.05 19.91
CA LEU A 190 -8.13 -13.26 20.53
C LEU A 190 -7.05 -13.93 19.67
N LYS A 191 -7.31 -13.98 18.37
CA LYS A 191 -6.34 -14.57 17.45
C LYS A 191 -5.06 -13.72 17.42
N LEU A 192 -5.22 -12.40 17.45
CA LEU A 192 -4.09 -11.44 17.53
C LEU A 192 -3.41 -11.51 18.89
N TYR A 193 -4.14 -12.01 19.88
CA TYR A 193 -3.57 -12.28 21.17
C TYR A 193 -2.74 -13.57 21.14
N GLU A 194 -3.25 -14.63 20.52
CA GLU A 194 -2.53 -15.92 20.49
C GLU A 194 -1.24 -15.88 19.65
N VAL A 195 -1.19 -15.03 18.63
CA VAL A 195 0.00 -14.95 17.71
C VAL A 195 1.12 -14.06 18.26
N GLY A 196 0.80 -13.35 19.32
CA GLY A 196 1.78 -12.55 20.02
C GLY A 196 1.74 -11.12 19.58
N PHE A 197 0.78 -10.77 18.74
CA PHE A 197 0.73 -9.40 18.25
C PHE A 197 0.18 -8.44 19.31
N SER A 198 -0.99 -8.76 19.87
CA SER A 198 -1.70 -7.85 20.80
C SER A 198 -1.46 -8.22 22.27
N PRO A 199 -1.15 -7.22 23.10
CA PRO A 199 -0.88 -7.46 24.52
C PRO A 199 -2.14 -7.61 25.36
N LEU A 200 -1.98 -8.10 26.60
CA LEU A 200 -3.06 -8.18 27.60
C LEU A 200 -2.75 -7.20 28.76
N PRO A 201 -3.40 -6.03 28.72
CA PRO A 201 -2.90 -4.84 29.35
C PRO A 201 -3.79 -4.23 30.41
N ALA A 202 -3.45 -4.28 31.69
CA ALA A 202 -2.50 -5.23 32.27
C ALA A 202 -3.19 -5.80 33.52
N GLY A 203 -4.21 -5.09 34.02
CA GLY A 203 -5.15 -5.63 34.98
C GLY A 203 -6.47 -5.92 34.30
N SER A 204 -6.40 -6.67 33.20
CA SER A 204 -7.56 -6.92 32.35
C SER A 204 -7.73 -8.39 31.96
N THR A 205 -8.73 -8.65 31.13
CA THR A 205 -9.22 -9.99 30.82
C THR A 205 -9.48 -10.16 29.32
N LYS A 206 -9.23 -11.34 28.78
CA LYS A 206 -9.63 -11.66 27.40
C LYS A 206 -11.03 -11.13 27.04
N ALA A 207 -12.00 -11.43 27.90
CA ALA A 207 -13.38 -10.95 27.72
C ALA A 207 -13.48 -9.43 27.64
N ARG A 208 -12.76 -8.72 28.50
CA ARG A 208 -12.87 -7.25 28.49
C ARG A 208 -12.23 -6.64 27.26
N GLN A 209 -11.19 -7.30 26.74
CA GLN A 209 -10.54 -6.91 25.49
C GLN A 209 -11.46 -7.18 24.28
N ILE A 210 -12.08 -8.36 24.27
CA ILE A 210 -13.07 -8.69 23.23
C ILE A 210 -14.23 -7.72 23.27
N THR A 211 -14.58 -7.30 24.47
CA THR A 211 -15.70 -6.37 24.65
C THR A 211 -15.28 -5.02 24.08
N LYS A 212 -14.06 -4.61 24.41
CA LYS A 212 -13.55 -3.33 23.93
C LYS A 212 -13.66 -3.26 22.41
N ASN A 213 -13.34 -4.38 21.76
CA ASN A 213 -13.17 -4.42 20.33
C ASN A 213 -14.39 -4.86 19.56
N HIS A 214 -15.37 -5.41 20.26
CA HIS A 214 -16.60 -5.86 19.63
C HIS A 214 -17.23 -4.76 18.77
N LEU A 215 -17.65 -5.14 17.57
CA LEU A 215 -18.28 -4.22 16.62
C LEU A 215 -19.75 -4.58 16.38
N PRO A 216 -20.58 -3.57 16.07
CA PRO A 216 -21.91 -3.75 15.49
C PRO A 216 -21.94 -4.83 14.40
N SER A 217 -23.12 -5.37 14.15
CA SER A 217 -23.25 -6.47 13.18
C SER A 217 -23.80 -5.96 11.86
N THR A 218 -24.34 -4.74 11.86
CA THR A 218 -24.74 -4.09 10.62
C THR A 218 -24.12 -2.70 10.50
N THR A 219 -24.06 -2.21 9.26
CA THR A 219 -23.48 -0.91 8.96
C THR A 219 -24.53 0.15 9.21
N SER A 220 -24.11 1.40 9.33
CA SER A 220 -24.98 2.51 9.73
C SER A 220 -25.07 3.62 8.70
N THR A 221 -24.28 3.54 7.64
CA THR A 221 -24.30 4.63 6.69
C THR A 221 -25.44 4.38 5.69
N PRO A 222 -26.32 5.37 5.54
CA PRO A 222 -27.47 5.22 4.66
C PRO A 222 -27.10 5.21 3.19
N GLY A 223 -27.43 4.12 2.49
CA GLY A 223 -27.16 3.95 1.05
C GLY A 223 -25.86 3.25 0.71
N LEU A 224 -25.14 2.75 1.73
CA LEU A 224 -23.84 2.11 1.56
C LEU A 224 -24.02 0.79 0.88
N ARG A 225 -23.37 0.61 -0.27
CA ARG A 225 -23.37 -0.66 -0.99
C ARG A 225 -21.99 -0.93 -1.63
N PRO A 226 -21.77 -2.16 -2.10
CA PRO A 226 -20.59 -2.45 -2.90
C PRO A 226 -20.45 -1.58 -4.17
N MET A 227 -19.23 -1.13 -4.45
CA MET A 227 -18.97 -0.43 -5.70
C MET A 227 -19.29 -1.32 -6.89
N GLU A 228 -19.86 -0.74 -7.95
CA GLU A 228 -20.16 -1.49 -9.15
C GLU A 228 -19.48 -0.76 -10.28
N PRO A 229 -19.17 -1.48 -11.38
CA PRO A 229 -18.52 -0.85 -12.53
C PRO A 229 -19.18 0.45 -13.00
N LYS A 230 -20.49 0.57 -12.82
CA LYS A 230 -21.20 1.78 -13.28
C LYS A 230 -20.80 3.02 -12.50
N ASP A 231 -20.26 2.82 -11.32
CA ASP A 231 -19.84 3.92 -10.43
C ASP A 231 -18.49 4.53 -10.80
N ILE A 232 -17.84 3.97 -11.82
CA ILE A 232 -16.44 4.30 -12.08
C ILE A 232 -16.21 5.80 -12.34
N ASP A 233 -16.87 6.33 -13.36
CA ASP A 233 -16.77 7.74 -13.68
C ASP A 233 -17.00 8.68 -12.50
N THR A 234 -18.04 8.41 -11.69
CA THR A 234 -18.39 9.30 -10.57
C THR A 234 -17.43 9.18 -9.43
N VAL A 235 -16.98 7.96 -9.13
CA VAL A 235 -15.94 7.77 -8.12
C VAL A 235 -14.57 8.39 -8.51
N HIS A 236 -14.21 8.30 -9.79
CA HIS A 236 -13.00 8.89 -10.31
C HIS A 236 -12.96 10.37 -10.02
N ASP A 237 -14.10 11.02 -10.20
CA ASP A 237 -14.21 12.46 -10.05
C ASP A 237 -14.13 12.87 -8.59
N LEU A 238 -14.84 12.15 -7.75
CA LEU A 238 -14.80 12.42 -6.31
C LEU A 238 -13.39 12.20 -5.73
N LEU A 239 -12.72 11.14 -6.19
CA LEU A 239 -11.42 10.77 -5.65
C LEU A 239 -10.41 11.84 -5.97
N GLN A 240 -10.34 12.22 -7.25
CA GLN A 240 -9.43 13.29 -7.67
C GLN A 240 -9.63 14.59 -6.92
N ARG A 241 -10.88 15.02 -6.82
CA ARG A 241 -11.16 16.22 -6.04
C ARG A 241 -10.60 16.11 -4.63
N TYR A 242 -10.90 15.01 -3.95
CA TYR A 242 -10.43 14.83 -2.57
C TYR A 242 -8.91 14.79 -2.46
N LEU A 243 -8.29 14.11 -3.43
CA LEU A 243 -6.85 13.84 -3.36
C LEU A 243 -6.05 15.10 -3.59
N SER A 244 -6.65 16.01 -4.34
CA SER A 244 -6.04 17.34 -4.59
C SER A 244 -5.88 18.19 -3.32
N ARG A 245 -6.44 17.76 -2.20
CA ARG A 245 -6.26 18.45 -0.91
C ARG A 245 -4.97 18.00 -0.22
N PHE A 246 -4.15 17.24 -0.96
CA PHE A 246 -2.89 16.76 -0.43
C PHE A 246 -1.70 17.17 -1.32
N ALA A 247 -0.64 17.61 -0.67
CA ALA A 247 0.55 18.11 -1.37
C ALA A 247 1.18 17.05 -2.25
N LEU A 248 1.10 15.83 -1.79
CA LEU A 248 1.59 14.69 -2.53
C LEU A 248 0.47 13.66 -2.77
N ASN A 249 0.13 13.40 -4.02
CA ASN A 249 -0.96 12.50 -4.35
C ASN A 249 -0.78 11.76 -5.68
N GLN A 250 -1.55 10.69 -5.85
CA GLN A 250 -1.60 9.93 -7.10
C GLN A 250 -2.65 10.49 -8.03
N ALA A 251 -2.25 10.90 -9.23
CA ALA A 251 -3.18 11.46 -10.17
C ALA A 251 -3.90 10.41 -11.00
N PHE A 252 -4.92 9.79 -10.43
CA PHE A 252 -5.67 8.67 -11.06
C PHE A 252 -6.26 8.88 -12.46
N THR A 253 -6.04 7.90 -13.34
CA THR A 253 -6.76 7.79 -14.59
C THR A 253 -8.02 6.98 -14.40
N ARG A 254 -8.84 6.97 -15.44
CA ARG A 254 -10.07 6.22 -15.43
C ARG A 254 -9.73 4.73 -15.34
N GLU A 255 -8.71 4.33 -16.09
CA GLU A 255 -8.31 2.95 -16.12
C GLU A 255 -7.75 2.50 -14.79
N GLU A 256 -7.08 3.41 -14.08
CA GLU A 256 -6.54 3.05 -12.78
C GLU A 256 -7.64 2.90 -11.72
N VAL A 257 -8.70 3.69 -11.84
CA VAL A 257 -9.84 3.55 -10.93
C VAL A 257 -10.48 2.16 -11.16
N ASP A 258 -10.69 1.81 -12.40
CA ASP A 258 -11.16 0.48 -12.73
C ASP A 258 -10.27 -0.60 -12.14
N HIS A 259 -8.97 -0.47 -12.35
CA HIS A 259 -8.05 -1.55 -11.96
C HIS A 259 -7.83 -1.61 -10.48
N TRP A 260 -7.59 -0.48 -9.83
CA TRP A 260 -7.28 -0.51 -8.39
C TRP A 260 -8.50 -0.62 -7.46
N LEU A 261 -9.70 -0.35 -7.96
CA LEU A 261 -10.90 -0.29 -7.11
C LEU A 261 -12.02 -1.29 -7.41
N VAL A 262 -12.10 -1.81 -8.62
CA VAL A 262 -13.21 -2.67 -9.00
C VAL A 262 -12.75 -4.13 -9.20
N HIS A 263 -13.00 -4.92 -8.17
CA HIS A 263 -12.80 -6.35 -8.23
C HIS A 263 -13.57 -7.02 -9.39
N LYS A 264 -12.91 -7.96 -10.06
CA LYS A 264 -13.45 -8.67 -11.22
C LYS A 264 -13.62 -10.18 -10.95
N PRO A 265 -14.76 -10.57 -10.35
CA PRO A 265 -15.14 -11.95 -10.04
C PRO A 265 -14.72 -12.99 -11.06
N GLU A 266 -15.05 -12.75 -12.32
CA GLU A 266 -14.93 -13.77 -13.35
C GLU A 266 -13.50 -14.12 -13.69
N THR A 267 -12.59 -13.20 -13.40
CA THR A 267 -11.22 -13.37 -13.84
C THR A 267 -10.24 -13.46 -12.68
N VAL A 268 -10.66 -12.98 -11.51
CA VAL A 268 -9.85 -13.00 -10.30
C VAL A 268 -10.43 -14.03 -9.35
N LYS A 269 -9.65 -15.07 -9.07
CA LYS A 269 -10.16 -16.17 -8.30
C LYS A 269 -10.08 -15.85 -6.82
N GLU A 270 -8.98 -15.27 -6.35
CA GLU A 270 -8.95 -14.85 -4.97
C GLU A 270 -9.04 -13.33 -4.86
N GLN A 271 -10.15 -12.83 -4.31
CA GLN A 271 -10.39 -11.40 -4.25
C GLN A 271 -9.34 -10.66 -3.42
N VAL A 272 -8.85 -9.54 -3.96
CA VAL A 272 -7.87 -8.71 -3.27
C VAL A 272 -8.39 -7.32 -2.87
N VAL A 273 -9.24 -6.71 -3.70
CA VAL A 273 -9.69 -5.35 -3.46
C VAL A 273 -11.16 -5.32 -3.06
N TRP A 274 -11.49 -4.47 -2.09
CA TRP A 274 -12.85 -4.26 -1.62
C TRP A 274 -13.23 -2.79 -1.67
N ALA A 275 -14.24 -2.45 -2.44
CA ALA A 275 -14.68 -1.07 -2.53
C ALA A 275 -16.17 -0.96 -2.26
N TYR A 276 -16.52 0.06 -1.46
CA TYR A 276 -17.90 0.40 -1.12
C TYR A 276 -18.18 1.87 -1.42
N VAL A 277 -19.33 2.13 -2.01
CA VAL A 277 -19.80 3.49 -2.28
C VAL A 277 -21.02 3.85 -1.44
N VAL A 278 -21.29 5.14 -1.36
CA VAL A 278 -22.43 5.67 -0.65
C VAL A 278 -23.31 6.34 -1.69
N GLU A 279 -24.40 5.68 -2.07
CA GLU A 279 -25.37 6.27 -3.00
C GLU A 279 -26.35 7.07 -2.15
N ASP A 280 -26.51 8.35 -2.45
CA ASP A 280 -27.42 9.17 -1.65
C ASP A 280 -28.85 8.62 -1.79
N PRO A 281 -29.48 8.28 -0.65
CA PRO A 281 -30.85 7.76 -0.70
C PRO A 281 -31.83 8.70 -1.45
N GLU A 282 -31.63 10.02 -1.37
CA GLU A 282 -32.52 11.01 -1.99
C GLU A 282 -32.10 11.39 -3.40
N THR A 283 -30.86 11.82 -3.59
CA THR A 283 -30.41 12.28 -4.92
C THR A 283 -29.84 11.14 -5.81
N HIS A 284 -29.38 10.06 -5.17
CA HIS A 284 -28.76 8.91 -5.86
C HIS A 284 -27.43 9.22 -6.56
N LYS A 285 -26.77 10.28 -6.09
CA LYS A 285 -25.38 10.61 -6.46
C LYS A 285 -24.49 10.01 -5.40
N ILE A 286 -23.34 9.53 -5.82
CA ILE A 286 -22.39 8.96 -4.88
C ILE A 286 -21.68 10.07 -4.11
N THR A 287 -21.75 10.02 -2.79
CA THR A 287 -21.27 11.08 -1.93
C THR A 287 -20.03 10.70 -1.11
N ASP A 288 -19.79 9.39 -1.00
CA ASP A 288 -18.62 8.86 -0.34
C ASP A 288 -18.28 7.51 -0.92
N PHE A 289 -17.07 7.05 -0.61
CA PHE A 289 -16.62 5.67 -0.89
C PHE A 289 -15.39 5.43 -0.07
N PHE A 290 -15.15 4.16 0.24
CA PHE A 290 -13.90 3.77 0.86
C PHE A 290 -13.50 2.43 0.26
N SER A 291 -12.28 1.97 0.56
CA SER A 291 -11.80 0.72 0.01
C SER A 291 -10.68 0.16 0.87
N PHE A 292 -10.48 -1.15 0.73
CA PHE A 292 -9.47 -1.85 1.52
C PHE A 292 -9.04 -3.12 0.80
N TYR A 293 -7.80 -3.51 1.01
CA TYR A 293 -7.28 -4.66 0.33
C TYR A 293 -6.78 -5.76 1.28
N ASN A 294 -6.60 -6.94 0.73
CA ASN A 294 -6.25 -8.16 1.43
C ASN A 294 -4.75 -8.50 1.33
N LEU A 295 -4.06 -8.53 2.46
CA LEU A 295 -2.67 -8.85 2.49
C LEU A 295 -2.36 -9.61 3.76
N GLU A 296 -2.15 -10.92 3.61
CA GLU A 296 -1.87 -11.77 4.76
C GLU A 296 -0.41 -11.61 5.20
N SER A 297 -0.17 -11.88 6.47
CA SER A 297 1.17 -12.13 6.95
C SER A 297 1.32 -13.57 7.41
N THR A 298 2.44 -14.17 7.05
CA THR A 298 2.85 -15.42 7.61
C THR A 298 3.25 -15.18 9.06
N VAL A 299 2.65 -15.94 9.98
CA VAL A 299 3.10 -15.96 11.37
C VAL A 299 4.25 -16.97 11.46
N ILE A 300 5.45 -16.49 11.77
CA ILE A 300 6.66 -17.28 11.51
C ILE A 300 6.85 -18.54 12.39
N GLN A 301 6.89 -18.40 13.70
CA GLN A 301 7.07 -19.57 14.61
C GLN A 301 5.94 -19.64 15.62
N ASN A 302 4.85 -20.30 15.25
CA ASN A 302 3.66 -20.32 16.12
C ASN A 302 2.86 -21.63 16.01
N PRO A 303 2.60 -22.26 17.18
CA PRO A 303 1.81 -23.50 17.32
C PRO A 303 0.34 -23.35 16.88
N LYS A 304 -0.39 -22.45 17.55
CA LYS A 304 -1.83 -22.26 17.32
C LYS A 304 -2.16 -21.72 15.94
N HIS A 305 -1.26 -20.95 15.33
CA HIS A 305 -1.64 -20.24 14.11
C HIS A 305 -0.58 -20.19 13.04
N ASP A 306 -1.05 -20.08 11.79
CA ASP A 306 -0.20 -20.04 10.60
C ASP A 306 -0.17 -18.68 9.89
N ASN A 307 -1.18 -17.88 10.15
CA ASN A 307 -1.64 -16.93 9.19
C ASN A 307 -2.36 -15.81 9.89
N VAL A 308 -1.95 -14.57 9.62
CA VAL A 308 -2.73 -13.38 10.02
C VAL A 308 -3.38 -12.78 8.77
N ARG A 309 -4.70 -12.63 8.75
CA ARG A 309 -5.38 -12.07 7.59
C ARG A 309 -5.66 -10.60 7.80
N ALA A 310 -4.94 -9.75 7.09
CA ALA A 310 -5.01 -8.33 7.34
C ALA A 310 -5.69 -7.58 6.22
N ALA A 311 -6.47 -6.59 6.59
CA ALA A 311 -7.06 -5.71 5.61
C ALA A 311 -6.41 -4.36 5.80
N TYR A 312 -6.02 -3.71 4.72
CA TYR A 312 -5.44 -2.38 4.78
C TYR A 312 -6.35 -1.35 4.16
N LEU A 313 -6.50 -0.24 4.86
CA LEU A 313 -7.28 0.85 4.39
C LEU A 313 -6.57 1.38 3.18
N TYR A 314 -7.34 1.70 2.14
CA TYR A 314 -6.77 2.11 0.84
C TYR A 314 -7.27 3.51 0.48
N TYR A 315 -7.86 3.71 -0.68
CA TYR A 315 -8.37 5.05 -0.97
C TYR A 315 -9.81 5.21 -0.50
N TYR A 316 -10.15 6.46 -0.20
CA TYR A 316 -11.48 6.85 0.24
C TYR A 316 -11.72 8.33 -0.02
N ALA A 317 -12.98 8.72 -0.09
CA ALA A 317 -13.29 10.12 -0.31
C ALA A 317 -14.68 10.46 0.23
N THR A 318 -14.89 11.72 0.60
CA THR A 318 -16.20 12.18 1.08
C THR A 318 -16.48 13.64 0.74
N GLU A 319 -17.66 13.86 0.16
CA GLU A 319 -18.10 15.20 -0.22
C GLU A 319 -18.05 16.18 0.95
N THR A 320 -18.17 15.69 2.16
CA THR A 320 -18.23 16.62 3.29
C THR A 320 -16.91 17.33 3.54
N ALA A 321 -15.83 16.88 2.87
CA ALA A 321 -14.49 17.46 3.03
C ALA A 321 -14.39 18.80 2.35
N PHE A 322 -15.31 19.05 1.42
CA PHE A 322 -15.30 20.29 0.69
C PHE A 322 -16.08 21.38 1.41
N THR A 323 -16.76 21.04 2.51
CA THR A 323 -17.43 22.01 3.38
C THR A 323 -16.40 22.75 4.22
N ASN A 324 -15.18 22.22 4.24
CA ASN A 324 -14.09 22.80 5.01
C ASN A 324 -14.50 23.01 6.45
N ASN A 325 -15.26 22.05 6.98
CA ASN A 325 -15.56 22.02 8.39
C ASN A 325 -14.96 20.77 9.01
N MET A 326 -13.82 20.92 9.69
CA MET A 326 -13.08 19.77 10.23
C MET A 326 -13.92 18.87 11.18
N LYS A 327 -14.85 19.48 11.91
CA LYS A 327 -15.73 18.73 12.81
C LYS A 327 -16.72 17.91 12.00
N ALA A 328 -17.22 18.46 10.90
CA ALA A 328 -18.18 17.74 10.05
C ALA A 328 -17.54 16.53 9.36
N LEU A 329 -16.29 16.72 8.92
CA LEU A 329 -15.52 15.66 8.29
C LEU A 329 -15.24 14.55 9.29
N LYS A 330 -14.84 14.89 10.51
CA LYS A 330 -14.62 13.88 11.54
C LYS A 330 -15.82 12.99 11.77
N GLU A 331 -17.01 13.60 11.74
CA GLU A 331 -18.25 12.90 12.00
C GLU A 331 -18.51 11.86 10.91
N ARG A 332 -18.45 12.30 9.66
CA ARG A 332 -18.72 11.43 8.55
C ARG A 332 -17.67 10.32 8.43
N LEU A 333 -16.41 10.61 8.72
CA LEU A 333 -15.35 9.59 8.65
C LEU A 333 -15.49 8.59 9.79
N LEU A 334 -15.82 9.07 10.99
CA LEU A 334 -16.10 8.16 12.12
C LEU A 334 -17.16 7.12 11.77
N MET A 335 -18.16 7.52 11.00
CA MET A 335 -19.21 6.61 10.59
C MET A 335 -18.82 5.71 9.41
N LEU A 336 -18.25 6.30 8.36
CA LEU A 336 -17.77 5.53 7.21
C LEU A 336 -16.72 4.47 7.59
N MET A 337 -15.80 4.83 8.46
CA MET A 337 -14.67 3.95 8.77
C MET A 337 -15.10 2.86 9.70
N ASN A 338 -16.06 3.15 10.54
CA ASN A 338 -16.57 2.12 11.42
C ASN A 338 -17.42 1.13 10.63
N ASP A 339 -18.04 1.56 9.56
CA ASP A 339 -18.70 0.60 8.68
C ASP A 339 -17.65 -0.27 7.97
N ALA A 340 -16.52 0.34 7.57
CA ALA A 340 -15.41 -0.41 6.96
C ALA A 340 -14.90 -1.51 7.89
N LEU A 341 -14.73 -1.18 9.17
CA LEU A 341 -14.32 -2.19 10.12
C LEU A 341 -15.35 -3.32 10.13
N ILE A 342 -16.62 -2.97 10.21
CA ILE A 342 -17.68 -3.97 10.33
C ILE A 342 -17.66 -4.87 9.09
N LEU A 343 -17.47 -4.27 7.91
CA LEU A 343 -17.48 -5.04 6.67
C LEU A 343 -16.25 -5.94 6.57
N ALA A 344 -15.12 -5.45 7.06
CA ALA A 344 -13.89 -6.24 7.07
C ALA A 344 -14.07 -7.42 7.99
N LYS A 345 -14.62 -7.18 9.16
CA LYS A 345 -14.84 -8.27 10.09
C LYS A 345 -15.73 -9.32 9.48
N LYS A 346 -16.76 -8.88 8.77
CA LYS A 346 -17.68 -9.81 8.13
C LYS A 346 -17.00 -10.66 7.09
N ALA A 347 -16.05 -10.08 6.37
CA ALA A 347 -15.23 -10.85 5.42
C ALA A 347 -14.09 -11.61 6.09
N HIS A 348 -14.17 -11.81 7.40
CA HIS A 348 -13.28 -12.69 8.13
C HIS A 348 -11.86 -12.19 8.34
N PHE A 349 -11.66 -10.88 8.24
CA PHE A 349 -10.32 -10.33 8.49
C PHE A 349 -10.06 -10.25 9.97
N ASP A 350 -8.81 -10.50 10.35
CA ASP A 350 -8.40 -10.53 11.76
C ASP A 350 -8.03 -9.17 12.34
N VAL A 351 -7.62 -8.25 11.47
CA VAL A 351 -7.07 -6.94 11.87
C VAL A 351 -7.13 -5.99 10.68
N PHE A 352 -7.34 -4.72 10.96
CA PHE A 352 -7.54 -3.69 9.94
C PHE A 352 -6.45 -2.64 10.11
N ASN A 353 -5.66 -2.42 9.07
CA ASN A 353 -4.46 -1.64 9.20
C ASN A 353 -4.58 -0.33 8.45
N ALA A 354 -4.04 0.74 9.02
CA ALA A 354 -4.08 2.05 8.43
C ALA A 354 -2.82 2.81 8.76
N LEU A 355 -2.56 3.85 7.94
CA LEU A 355 -1.43 4.74 8.19
C LEU A 355 -2.00 6.10 8.56
N THR A 356 -1.13 7.03 8.98
CA THR A 356 -1.54 8.36 9.42
C THR A 356 -1.66 9.39 8.31
N LEU A 357 -1.59 8.90 7.09
CA LEU A 357 -1.77 9.71 5.88
C LEU A 357 -3.24 10.02 5.65
N HIS A 358 -3.58 10.66 4.53
CA HIS A 358 -4.91 11.24 4.30
C HIS A 358 -5.42 12.06 5.51
N ASP A 359 -6.71 11.96 5.84
CA ASP A 359 -7.29 12.64 7.00
C ASP A 359 -7.47 11.63 8.12
N ASN A 360 -6.65 10.59 8.11
CA ASN A 360 -6.80 9.48 9.01
C ASN A 360 -6.56 9.82 10.48
N PRO A 361 -5.71 10.79 10.80
CA PRO A 361 -5.66 11.13 12.21
C PRO A 361 -7.01 11.60 12.82
N LEU A 362 -7.99 11.93 12.01
CA LEU A 362 -9.30 12.31 12.56
C LEU A 362 -10.07 11.13 13.19
N PHE A 363 -9.64 9.89 12.96
CA PHE A 363 -10.44 8.74 13.44
C PHE A 363 -9.68 7.58 14.00
N LEU A 364 -8.37 7.49 13.79
CA LEU A 364 -7.61 6.30 14.20
C LEU A 364 -7.83 5.95 15.67
N GLU A 365 -7.54 6.90 16.55
CA GLU A 365 -7.57 6.58 17.97
C GLU A 365 -9.01 6.38 18.45
N GLN A 366 -9.88 7.29 18.07
CA GLN A 366 -11.27 7.20 18.49
C GLN A 366 -11.98 5.88 18.10
N LEU A 367 -11.62 5.28 16.94
CA LEU A 367 -12.14 3.98 16.50
C LEU A 367 -11.31 2.82 16.97
N LYS A 368 -10.44 3.08 17.95
CA LYS A 368 -9.69 2.07 18.67
C LYS A 368 -8.58 1.33 17.91
N PHE A 369 -7.93 2.02 16.97
CA PHE A 369 -6.70 1.49 16.38
C PHE A 369 -5.61 1.69 17.42
N GLY A 370 -4.75 0.69 17.61
CA GLY A 370 -3.61 0.80 18.52
C GLY A 370 -2.33 1.12 17.75
N ALA A 371 -1.52 2.05 18.27
CA ALA A 371 -0.34 2.57 17.56
C ALA A 371 0.65 1.47 17.31
N GLY A 372 1.25 1.46 16.14
CA GLY A 372 2.18 0.41 15.80
C GLY A 372 3.59 0.89 15.96
N ASP A 373 4.51 -0.06 15.81
CA ASP A 373 5.94 0.22 15.80
C ASP A 373 6.46 0.44 14.39
N GLY A 374 5.72 -0.05 13.41
CA GLY A 374 6.06 0.16 12.01
C GLY A 374 5.98 1.63 11.60
N GLN A 375 6.93 2.00 10.73
CA GLN A 375 7.00 3.34 10.17
C GLN A 375 7.27 3.22 8.68
N LEU A 376 6.54 4.01 7.89
CA LEU A 376 6.75 4.03 6.46
C LEU A 376 7.29 5.39 6.03
N HIS A 377 8.47 5.39 5.43
CA HIS A 377 9.10 6.61 4.93
C HIS A 377 8.89 6.76 3.44
N PHE A 378 8.65 7.97 2.99
CA PHE A 378 8.34 8.18 1.57
C PHE A 378 9.49 8.89 0.89
N TYR A 379 9.79 8.44 -0.32
CA TYR A 379 10.92 8.94 -1.11
C TYR A 379 10.58 9.30 -2.56
N LEU A 380 11.25 10.33 -3.08
CA LEU A 380 11.16 10.66 -4.50
C LEU A 380 12.56 10.54 -5.06
N TYR A 381 12.73 9.83 -6.20
CA TYR A 381 13.98 9.80 -6.93
C TYR A 381 14.04 10.91 -8.01
N ASN A 382 15.17 11.60 -8.04
CA ASN A 382 15.49 12.65 -9.00
C ASN A 382 14.44 13.76 -9.02
N TYR A 383 13.92 14.07 -7.85
CA TYR A 383 12.98 15.19 -7.70
C TYR A 383 13.09 15.71 -6.30
N ARG A 384 13.27 17.03 -6.23
CA ARG A 384 13.48 17.75 -4.99
C ARG A 384 12.19 18.49 -4.63
N THR A 385 11.77 18.37 -3.39
CA THR A 385 10.66 19.13 -2.87
C THR A 385 10.77 19.26 -1.37
N ALA A 386 10.08 20.26 -0.81
CA ALA A 386 10.14 20.51 0.63
C ALA A 386 9.44 19.38 1.36
N PRO A 387 9.85 19.10 2.60
CA PRO A 387 9.25 17.97 3.28
C PRO A 387 7.73 18.11 3.36
N VAL A 388 7.03 16.99 3.51
CA VAL A 388 5.58 17.01 3.56
C VAL A 388 5.11 16.38 4.86
N PRO A 389 4.06 16.95 5.49
CA PRO A 389 3.51 16.43 6.76
C PRO A 389 2.94 15.03 6.62
N GLY A 390 3.14 14.18 7.60
CA GLY A 390 2.76 12.78 7.52
C GLY A 390 1.63 12.35 8.45
N GLY A 391 0.86 13.31 8.97
CA GLY A 391 -0.18 13.03 9.95
C GLY A 391 0.27 12.85 11.40
N VAL A 392 1.56 13.00 11.68
CA VAL A 392 2.02 12.83 13.04
C VAL A 392 2.80 14.07 13.47
N ASN A 393 3.14 14.12 14.75
CA ASN A 393 3.94 15.21 15.27
C ASN A 393 5.31 14.71 15.74
N GLU A 394 5.94 15.47 16.63
CA GLU A 394 7.31 15.28 16.97
C GLU A 394 7.42 14.19 18.03
N LYS A 395 6.28 13.76 18.57
CA LYS A 395 6.23 12.58 19.41
C LYS A 395 5.79 11.36 18.61
N ASN A 396 5.56 11.55 17.33
CA ASN A 396 5.10 10.50 16.43
C ASN A 396 3.72 9.99 16.79
N LEU A 397 2.81 10.92 17.06
CA LEU A 397 1.43 10.57 17.39
C LEU A 397 0.50 11.41 16.55
N PRO A 398 -0.69 10.88 16.22
CA PRO A 398 -1.55 11.49 15.20
C PRO A 398 -1.92 12.92 15.53
N ASP A 399 -1.98 13.77 14.52
CA ASP A 399 -2.11 15.21 14.71
C ASP A 399 -2.90 15.85 13.57
N GLU A 400 -4.04 16.42 13.93
CA GLU A 400 -4.98 16.97 12.97
C GLU A 400 -4.42 18.18 12.28
N LYS A 401 -3.47 18.85 12.92
CA LYS A 401 -2.85 20.02 12.30
C LYS A 401 -1.77 19.65 11.29
N ARG A 402 -1.37 18.36 11.27
CA ARG A 402 -0.26 17.85 10.43
C ARG A 402 -0.74 16.88 9.30
N MET A 403 -1.87 17.19 8.68
CA MET A 403 -2.39 16.40 7.58
C MET A 403 -2.21 17.23 6.34
N GLY A 404 -2.97 16.93 5.28
CA GLY A 404 -2.84 17.67 4.01
C GLY A 404 -1.55 17.41 3.26
N GLY A 405 -0.76 16.45 3.72
CA GLY A 405 0.54 16.15 3.13
C GLY A 405 0.57 14.94 2.22
N VAL A 406 0.49 13.76 2.81
CA VAL A 406 0.55 12.51 2.06
C VAL A 406 -0.83 12.00 1.60
N GLY A 407 -1.04 11.92 0.28
CA GLY A 407 -2.31 11.45 -0.30
C GLY A 407 -2.16 10.26 -1.25
N ILE A 408 -1.04 9.54 -1.15
CA ILE A 408 -0.80 8.36 -1.98
C ILE A 408 -0.56 7.19 -1.06
N VAL A 409 -1.21 6.09 -1.37
CA VAL A 409 -1.03 4.86 -0.65
C VAL A 409 -0.32 3.86 -1.56
N MET A 410 0.78 3.28 -1.09
CA MET A 410 1.54 2.33 -1.89
C MET A 410 1.43 0.95 -1.24
N LEU A 411 1.39 -0.07 -2.09
CA LEU A 411 1.08 -1.42 -1.66
C LEU A 411 2.24 -2.14 -0.95
S1 MYA B . 11.01 -1.55 0.19
C2 MYA B . 11.02 -3.30 0.49
C3 MYA B . 12.43 -3.74 0.87
N4 MYA B . 12.46 -5.17 1.05
C5 MYA B . 12.59 -5.86 2.20
O5 MYA B . 12.73 -5.30 3.27
C6 MYA B . 12.57 -7.38 2.11
C7 MYA B . 13.52 -8.07 3.09
N8 MYA B . 14.87 -7.53 2.92
C9 MYA B . 15.69 -7.73 1.92
O9 MYA B . 15.43 -8.42 0.98
C10 MYA B . 17.06 -7.10 1.93
O10 MYA B . 17.41 -6.74 3.27
C11 MYA B . 17.13 -5.85 1.07
C12 MYA B . 18.48 -5.19 1.28
C13 MYA B . 16.04 -4.86 1.51
C14 MYA B . 16.99 -6.22 -0.40
N1A MYA B . 15.40 0.48 -0.14
O1A MYA B . 22.55 -5.47 -1.01
P1A MYA B . 22.95 -4.91 0.34
C1X MYA B . 20.38 -0.11 0.95
C2A MYA B . 16.46 1.04 -0.75
O2A MYA B . 24.26 -5.39 0.92
P2A MYA B . 20.86 -6.31 1.72
C2M MYA B . 10.96 -1.47 -1.50
O2M MYA B . 10.65 -2.47 -2.13
C2X MYA B . 21.16 0.37 2.17
O2X MYA B . 21.10 1.80 2.24
N3A MYA B . 17.71 0.79 -0.34
O3A MYA B . 21.78 -5.00 1.45
C3M MYA B . 11.31 -0.20 -2.23
C3X MYA B . 22.57 -0.04 1.86
O3X MYA B . 23.14 1.14 1.31
P3X MYA B . 24.42 1.83 1.96
C4A MYA B . 17.90 -0.03 0.72
O4A MYA B . 21.53 -7.51 1.11
C4M MYA B . 12.78 -0.23 -2.64
C4X MYA B . 22.51 -1.10 0.77
O4X MYA B . 21.12 -1.22 0.39
C5A MYA B . 16.83 -0.62 1.36
O5A MYA B . 20.39 -6.30 3.15
C5M MYA B . 13.22 1.09 -3.29
C5X MYA B . 23.15 -2.41 1.22
O5X MYA B . 23.00 -3.32 0.14
C6A MYA B . 15.55 -0.35 0.91
N6A MYA B . 14.45 -0.90 1.53
O6A MYA B . 19.56 -5.99 0.78
C6M MYA B . 14.53 1.01 -4.05
N7A MYA B . 17.29 -1.38 2.38
O7A MYA B . 25.64 1.41 0.98
C7M MYA B . 14.97 2.42 -4.52
C8A MYA B . 18.63 -1.30 2.34
O8A MYA B . 24.56 1.29 3.48
C8M MYA B . 14.41 2.78 -5.89
N9A MYA B . 18.99 -0.48 1.34
O9A MYA B . 24.26 3.42 1.82
C9M MYA B . 15.07 4.07 -6.42
CAM MYA B . 14.50 4.45 -7.79
CBM MYA B . 14.76 3.36 -8.79
CCM MYA B . 14.23 3.66 -10.17
CDM MYA B . 14.33 5.13 -10.61
CEM MYA B . 13.91 5.22 -12.04
CFM MYA B . 13.66 6.63 -12.46
CAN 75R C . 7.68 -1.95 2.17
CAL 75R C . 7.06 -0.87 1.29
NAS 75R C . 5.68 -1.23 0.85
CAM 75R C . 4.78 -1.43 2.01
CAO 75R C . 5.33 -2.58 2.85
NBD 75R C . 6.72 -2.22 3.23
CBA 75R C . 7.12 -2.16 4.53
CAK 75R C . 6.27 -2.43 5.60
NAR 75R C . 8.39 -1.87 4.73
CAF 75R C . 8.88 -1.80 5.94
CAH 75R C . 8.09 -2.06 7.05
CAY 75R C . 6.76 -2.38 6.89
CAZ 75R C . 5.97 -2.65 8.03
CAJ 75R C . 4.60 -2.89 7.96
CAW 75R C . 3.86 -3.17 9.11
CL1 75R C . 2.15 -3.43 8.92
CAI 75R C . 6.59 -2.74 9.28
CAV 75R C . 5.87 -3.04 10.44
CL2 75R C . 6.73 -3.11 11.94
CBC 75R C . 4.48 -3.25 10.36
OAT 75R C . 3.77 -3.55 11.47
CAP 75R C . 3.92 -5.05 11.91
CBB 75R C . 3.30 -6.12 11.19
CAU 75R C . 1.95 -6.48 11.49
CAA 75R C . 1.15 -5.77 12.60
CAG 75R C . 1.31 -7.49 10.77
CAE 75R C . 2.00 -8.13 9.76
NAQ 75R C . 3.28 -7.81 9.46
CAX 75R C . 3.96 -6.83 10.14
CAB 75R C . 5.43 -6.55 9.71
#